data_8G4E
#
_entry.id   8G4E
#
_cell.length_a   1.00
_cell.length_b   1.00
_cell.length_c   1.00
_cell.angle_alpha   90.00
_cell.angle_beta   90.00
_cell.angle_gamma   90.00
#
_symmetry.space_group_name_H-M   'P 1'
#
loop_
_entity.id
_entity.type
_entity.pdbx_description
1 polymer 'RCG-10 - Cryo-EM imaging scaffold subunit B fused to DARPin'
2 polymer 'Superfolder Green Fluorescent Protein'
#
loop_
_entity_poly.entity_id
_entity_poly.type
_entity_poly.pdbx_seq_one_letter_code
_entity_poly.pdbx_strand_id
1 'polypeptide(L)'
;MFTRRGDQGETDLANRARVGKDSPVVEVQGTIDELNSFIGYALVLSRWDDIRNDLFRIQNDLFVLGEDVSTGGKGRTVTM
DMIIYLIKRSVEMKAEIGKIELFVVPGGSVESASLHMARAVSRRLERRIKAASELTEINANVLLYANMLSNILFMHALIS
NKRKEELDKKLLEAARAGYDDQVAALLAKGADVNAADDVGVTPLHLAAQRGHLEIVEVLLKRGADINAADLWGQTPLHLA
ATAGHLEIVELLLRWGADVNARDNIGHTPLHLAAWAGHLEIVEVLLKYGADVNAQDKFGKTPFDLAIDNGNEDIAEVLQK
AA
;
A
2 'polypeptide(L)'
;MSKGEELFTGVVPILVELDGDVNGHKFSVRGEGEGDATNGKLTLKFICTTGKLPVPWPTLVTTL(CRO)VQCFSRYPDHM
KRHDFFKSAMPEGYVQERTISFKDDGTYKTRAEVKFEGDTLVNRIELKGIDFKEDGNILGHKLEYNFNSHNVYITADKQK
NGIKANFKIRHNVEDGSVQLADHYQQNTPIGDGPVLLPDNHYLSTQSALSKDPNEKRDHMVLLEFVTAAGITHHHHHH
;
B
#
# COMPACT_ATOMS: atom_id res chain seq x y z
N MET A 155 24.55 -31.97 -10.47
CA MET A 155 23.77 -33.19 -10.49
C MET A 155 22.53 -33.04 -11.36
N HIS A 156 21.83 -34.15 -11.60
CA HIS A 156 20.60 -34.10 -12.38
C HIS A 156 19.46 -33.51 -11.57
N ALA A 157 19.46 -33.75 -10.25
CA ALA A 157 18.40 -33.20 -9.41
C ALA A 157 18.48 -31.68 -9.34
N LEU A 158 19.68 -31.15 -9.12
CA LEU A 158 19.85 -29.70 -9.07
C LEU A 158 19.56 -29.06 -10.41
N ILE A 159 19.96 -29.71 -11.50
CA ILE A 159 19.67 -29.20 -12.83
C ILE A 159 18.16 -29.18 -13.08
N SER A 160 17.48 -30.24 -12.67
CA SER A 160 16.02 -30.30 -12.80
C SER A 160 15.36 -29.18 -12.02
N ASN A 161 15.80 -28.96 -10.78
CA ASN A 161 15.22 -27.89 -9.97
C ASN A 161 15.48 -26.52 -10.57
N LYS A 162 16.70 -26.28 -11.07
CA LYS A 162 17.00 -24.98 -11.68
C LYS A 162 16.17 -24.75 -12.93
N ARG A 163 16.02 -25.77 -13.77
CA ARG A 163 15.22 -25.63 -14.98
C ARG A 163 13.75 -25.41 -14.64
N LYS A 164 13.24 -26.10 -13.61
CA LYS A 164 11.87 -25.88 -13.17
C LYS A 164 11.67 -24.45 -12.67
N GLU A 165 12.64 -23.93 -11.92
CA GLU A 165 12.54 -22.55 -11.44
C GLU A 165 12.56 -21.56 -12.59
N GLU A 166 13.38 -21.81 -13.61
CA GLU A 166 13.38 -20.95 -14.78
C GLU A 166 12.02 -20.99 -15.49
N LEU A 167 11.43 -22.18 -15.59
CA LEU A 167 10.10 -22.30 -16.17
C LEU A 167 9.06 -21.51 -15.37
N ASP A 168 9.13 -21.60 -14.04
CA ASP A 168 8.18 -20.87 -13.21
C ASP A 168 8.34 -19.36 -13.37
N LYS A 169 9.59 -18.88 -13.43
CA LYS A 169 9.81 -17.46 -13.64
C LYS A 169 9.29 -17.00 -15.00
N LYS A 170 9.50 -17.81 -16.04
CA LYS A 170 8.97 -17.46 -17.35
C LYS A 170 7.44 -17.42 -17.34
N LEU A 171 6.81 -18.37 -16.65
CA LEU A 171 5.36 -18.36 -16.56
C LEU A 171 4.85 -17.13 -15.83
N LEU A 172 5.51 -16.74 -14.73
CA LEU A 172 5.10 -15.55 -14.00
C LEU A 172 5.25 -14.30 -14.86
N GLU A 173 6.37 -14.19 -15.60
CA GLU A 173 6.57 -13.03 -16.46
C GLU A 173 5.52 -12.98 -17.57
N ALA A 174 5.21 -14.14 -18.18
CA ALA A 174 4.20 -14.17 -19.24
C ALA A 174 2.83 -13.81 -18.71
N ALA A 175 2.48 -14.31 -17.52
CA ALA A 175 1.19 -13.99 -16.92
C ALA A 175 1.08 -12.52 -16.59
N ARG A 176 2.16 -11.91 -16.09
CA ARG A 176 2.14 -10.47 -15.84
C ARG A 176 2.00 -9.68 -17.13
N ALA A 177 2.72 -10.09 -18.18
CA ALA A 177 2.70 -9.36 -19.45
C ALA A 177 1.39 -9.50 -20.20
N GLY A 178 0.75 -10.66 -20.14
CA GLY A 178 -0.51 -10.87 -20.84
C GLY A 178 -0.36 -11.62 -22.14
N TYR A 179 0.61 -12.54 -22.19
CA TYR A 179 0.85 -13.37 -23.37
C TYR A 179 0.15 -14.71 -23.15
N ASP A 180 -1.05 -14.84 -23.70
CA ASP A 180 -1.83 -16.07 -23.50
C ASP A 180 -1.18 -17.26 -24.19
N ASP A 181 -0.66 -17.07 -25.40
CA ASP A 181 -0.04 -18.16 -26.13
C ASP A 181 1.17 -18.70 -25.38
N GLN A 182 2.03 -17.81 -24.88
CA GLN A 182 3.19 -18.25 -24.13
C GLN A 182 2.79 -18.88 -22.80
N VAL A 183 1.72 -18.38 -22.18
CA VAL A 183 1.24 -18.98 -20.94
C VAL A 183 0.79 -20.42 -21.19
N ALA A 184 0.01 -20.64 -22.25
CA ALA A 184 -0.44 -21.99 -22.57
C ALA A 184 0.74 -22.89 -22.93
N ALA A 185 1.70 -22.38 -23.70
CA ALA A 185 2.86 -23.18 -24.08
C ALA A 185 3.67 -23.58 -22.86
N LEU A 186 3.88 -22.65 -21.93
CA LEU A 186 4.64 -22.96 -20.72
C LEU A 186 3.87 -23.93 -19.82
N LEU A 187 2.54 -23.79 -19.75
CA LEU A 187 1.75 -24.73 -18.97
C LEU A 187 1.85 -26.14 -19.54
N ALA A 188 1.83 -26.26 -20.88
CA ALA A 188 1.94 -27.58 -21.49
C ALA A 188 3.32 -28.19 -21.27
N LYS A 189 4.36 -27.37 -21.20
CA LYS A 189 5.73 -27.86 -21.02
C LYS A 189 6.01 -28.33 -19.60
N GLY A 190 5.12 -28.07 -18.66
CA GLY A 190 5.31 -28.53 -17.30
C GLY A 190 5.60 -27.45 -16.26
N ALA A 191 5.27 -26.19 -16.55
CA ALA A 191 5.46 -25.15 -15.57
C ALA A 191 4.47 -25.32 -14.41
N ASP A 192 4.83 -24.76 -13.26
CA ASP A 192 4.01 -24.88 -12.07
C ASP A 192 2.96 -23.77 -12.06
N VAL A 193 1.69 -24.16 -12.03
CA VAL A 193 0.60 -23.19 -12.00
C VAL A 193 0.45 -22.53 -10.64
N ASN A 194 0.99 -23.15 -9.58
CA ASN A 194 0.93 -22.61 -8.24
C ASN A 194 2.24 -21.95 -7.81
N ALA A 195 3.09 -21.60 -8.76
CA ALA A 195 4.35 -20.94 -8.45
C ALA A 195 4.09 -19.55 -7.86
N ALA A 196 5.01 -19.10 -7.01
CA ALA A 196 4.86 -17.83 -6.34
C ALA A 196 6.21 -17.12 -6.26
N ASP A 197 6.15 -15.80 -6.12
CA ASP A 197 7.35 -14.99 -5.94
C ASP A 197 7.85 -15.13 -4.51
N ASP A 198 8.84 -14.31 -4.15
CA ASP A 198 9.26 -14.25 -2.75
C ASP A 198 8.20 -13.61 -1.88
N VAL A 199 7.34 -12.77 -2.47
CA VAL A 199 6.25 -12.13 -1.73
C VAL A 199 4.96 -12.92 -1.79
N GLY A 200 4.95 -14.07 -2.45
CA GLY A 200 3.77 -14.91 -2.50
C GLY A 200 2.79 -14.59 -3.61
N VAL A 201 3.19 -13.81 -4.62
CA VAL A 201 2.29 -13.48 -5.73
C VAL A 201 2.34 -14.58 -6.77
N THR A 202 1.17 -15.08 -7.14
CA THR A 202 1.00 -16.18 -8.09
C THR A 202 0.53 -15.65 -9.44
N PRO A 203 0.65 -16.46 -10.50
CA PRO A 203 0.18 -16.01 -11.82
C PRO A 203 -1.29 -15.62 -11.83
N LEU A 204 -2.12 -16.30 -11.04
CA LEU A 204 -3.53 -15.93 -10.96
C LEU A 204 -3.71 -14.53 -10.41
N HIS A 205 -2.90 -14.15 -9.43
CA HIS A 205 -2.96 -12.79 -8.88
C HIS A 205 -2.75 -11.74 -9.97
N LEU A 206 -1.67 -11.89 -10.75
CA LEU A 206 -1.37 -10.91 -11.79
C LEU A 206 -2.42 -10.93 -12.88
N ALA A 207 -2.85 -12.12 -13.31
CA ALA A 207 -3.84 -12.21 -14.37
C ALA A 207 -5.16 -11.57 -13.96
N ALA A 208 -5.57 -11.76 -12.70
CA ALA A 208 -6.81 -11.17 -12.23
C ALA A 208 -6.68 -9.67 -11.98
N GLN A 209 -5.50 -9.22 -11.55
CA GLN A 209 -5.32 -7.80 -11.29
C GLN A 209 -5.26 -6.98 -12.58
N ARG A 210 -4.62 -7.53 -13.61
CA ARG A 210 -4.42 -6.79 -14.85
C ARG A 210 -5.53 -7.02 -15.88
N GLY A 211 -6.53 -7.82 -15.57
CA GLY A 211 -7.69 -7.94 -16.44
C GLY A 211 -7.51 -8.86 -17.62
N HIS A 212 -6.79 -9.97 -17.46
CA HIS A 212 -6.63 -10.95 -18.54
C HIS A 212 -7.59 -12.11 -18.28
N LEU A 213 -8.80 -11.99 -18.83
CA LEU A 213 -9.85 -12.96 -18.55
C LEU A 213 -9.52 -14.34 -19.09
N GLU A 214 -9.01 -14.40 -20.33
CA GLU A 214 -8.68 -15.70 -20.93
C GLU A 214 -7.58 -16.40 -20.15
N ILE A 215 -6.57 -15.65 -19.71
CA ILE A 215 -5.48 -16.26 -18.94
C ILE A 215 -6.01 -16.75 -17.59
N VAL A 216 -6.91 -15.99 -16.96
CA VAL A 216 -7.49 -16.42 -15.69
C VAL A 216 -8.24 -17.73 -15.87
N GLU A 217 -9.07 -17.81 -16.91
CA GLU A 217 -9.85 -19.02 -17.14
C GLU A 217 -8.96 -20.20 -17.50
N VAL A 218 -7.88 -19.96 -18.26
CA VAL A 218 -6.96 -21.03 -18.60
C VAL A 218 -6.26 -21.55 -17.35
N LEU A 219 -5.82 -20.64 -16.47
CA LEU A 219 -5.13 -21.05 -15.26
C LEU A 219 -6.05 -21.76 -14.28
N LEU A 220 -7.34 -21.40 -14.25
CA LEU A 220 -8.27 -22.05 -13.34
C LEU A 220 -8.44 -23.52 -13.68
N LYS A 221 -8.55 -23.84 -14.97
CA LYS A 221 -8.78 -25.22 -15.40
C LYS A 221 -7.60 -26.14 -15.15
N ARG A 222 -6.42 -25.60 -14.85
CA ARG A 222 -5.24 -26.41 -14.62
C ARG A 222 -4.97 -26.72 -13.16
N GLY A 223 -5.64 -26.02 -12.24
CA GLY A 223 -5.47 -26.31 -10.83
C GLY A 223 -4.87 -25.17 -10.03
N ALA A 224 -5.12 -23.93 -10.46
CA ALA A 224 -4.66 -22.77 -9.70
C ALA A 224 -5.50 -22.60 -8.45
N ASP A 225 -4.84 -22.43 -7.31
CA ASP A 225 -5.54 -22.23 -6.04
C ASP A 225 -6.27 -20.89 -6.07
N ILE A 226 -7.60 -20.94 -6.08
CA ILE A 226 -8.39 -19.71 -6.18
C ILE A 226 -8.42 -18.90 -4.90
N ASN A 227 -7.96 -19.48 -3.78
CA ASN A 227 -7.90 -18.78 -2.50
C ASN A 227 -6.46 -18.86 -2.00
N ALA A 228 -5.64 -17.91 -2.44
CA ALA A 228 -4.23 -17.85 -2.06
C ALA A 228 -3.89 -16.44 -1.64
N ALA A 229 -3.18 -16.29 -0.53
CA ALA A 229 -2.86 -14.99 0.02
C ALA A 229 -1.36 -14.72 -0.08
N ASP A 230 -1.03 -13.51 -0.53
CA ASP A 230 0.35 -13.06 -0.56
C ASP A 230 0.76 -12.56 0.82
N LEU A 231 1.90 -11.86 0.91
CA LEU A 231 2.36 -11.35 2.20
C LEU A 231 1.33 -10.42 2.84
N TRP A 232 0.58 -9.69 2.02
CA TRP A 232 -0.39 -8.72 2.52
C TRP A 232 -1.79 -9.30 2.64
N GLY A 233 -1.95 -10.61 2.47
CA GLY A 233 -3.23 -11.25 2.71
C GLY A 233 -4.29 -11.02 1.65
N GLN A 234 -3.89 -10.70 0.43
CA GLN A 234 -4.84 -10.45 -0.65
C GLN A 234 -5.05 -11.72 -1.47
N THR A 235 -6.29 -11.91 -1.92
CA THR A 235 -6.68 -13.00 -2.78
C THR A 235 -6.97 -12.44 -4.17
N PRO A 236 -6.99 -13.30 -5.21
CA PRO A 236 -7.32 -12.79 -6.55
C PRO A 236 -8.65 -12.06 -6.62
N LEU A 237 -9.62 -12.45 -5.80
CA LEU A 237 -10.89 -11.73 -5.75
C LEU A 237 -10.71 -10.31 -5.25
N HIS A 238 -9.84 -10.11 -4.25
CA HIS A 238 -9.57 -8.76 -3.75
C HIS A 238 -9.05 -7.86 -4.85
N LEU A 239 -8.02 -8.32 -5.58
CA LEU A 239 -7.43 -7.52 -6.64
C LEU A 239 -8.42 -7.29 -7.78
N ALA A 240 -9.18 -8.32 -8.14
CA ALA A 240 -10.16 -8.16 -9.21
C ALA A 240 -11.25 -7.15 -8.84
N ALA A 241 -11.72 -7.20 -7.59
CA ALA A 241 -12.75 -6.27 -7.14
C ALA A 241 -12.23 -4.85 -7.02
N THR A 242 -11.00 -4.66 -6.53
CA THR A 242 -10.47 -3.31 -6.40
C THR A 242 -10.06 -2.73 -7.75
N ALA A 243 -9.75 -3.59 -8.73
CA ALA A 243 -9.42 -3.10 -10.07
C ALA A 243 -10.66 -2.72 -10.87
N GLY A 244 -11.77 -3.42 -10.66
CA GLY A 244 -13.01 -3.12 -11.35
C GLY A 244 -13.38 -4.05 -12.48
N HIS A 245 -12.74 -5.20 -12.60
CA HIS A 245 -13.02 -6.14 -13.68
C HIS A 245 -14.25 -6.96 -13.32
N LEU A 246 -15.35 -6.74 -14.04
CA LEU A 246 -16.60 -7.41 -13.71
C LEU A 246 -16.58 -8.87 -14.13
N GLU A 247 -16.08 -9.16 -15.34
CA GLU A 247 -16.09 -10.53 -15.86
C GLU A 247 -15.19 -11.46 -15.05
N ILE A 248 -13.99 -11.00 -14.68
CA ILE A 248 -13.10 -11.83 -13.88
C ILE A 248 -13.70 -12.08 -12.49
N VAL A 249 -14.35 -11.06 -11.91
CA VAL A 249 -15.00 -11.24 -10.62
C VAL A 249 -16.11 -12.28 -10.73
N GLU A 250 -16.92 -12.20 -11.79
CA GLU A 250 -17.99 -13.17 -11.98
C GLU A 250 -17.45 -14.58 -12.15
N LEU A 251 -16.39 -14.73 -12.97
CA LEU A 251 -15.81 -16.03 -13.19
C LEU A 251 -15.22 -16.61 -11.90
N LEU A 252 -14.53 -15.78 -11.12
CA LEU A 252 -13.98 -16.25 -9.85
C LEU A 252 -15.09 -16.68 -8.91
N LEU A 253 -16.17 -15.90 -8.84
CA LEU A 253 -17.29 -16.25 -7.95
C LEU A 253 -17.94 -17.55 -8.38
N ARG A 254 -18.11 -17.76 -9.69
CA ARG A 254 -18.71 -19.01 -10.15
C ARG A 254 -17.81 -20.20 -9.84
N TRP A 255 -16.50 -20.04 -10.01
CA TRP A 255 -15.60 -21.16 -9.77
C TRP A 255 -15.44 -21.46 -8.29
N GLY A 256 -15.92 -20.56 -7.42
CA GLY A 256 -15.95 -20.85 -6.00
C GLY A 256 -15.05 -20.01 -5.13
N ALA A 257 -14.80 -18.76 -5.53
CA ALA A 257 -13.95 -17.86 -4.77
C ALA A 257 -14.64 -17.48 -3.46
N ASP A 258 -13.85 -17.40 -2.38
CA ASP A 258 -14.38 -16.99 -1.09
C ASP A 258 -14.81 -15.53 -1.14
N VAL A 259 -16.08 -15.28 -0.78
CA VAL A 259 -16.63 -13.93 -0.86
C VAL A 259 -16.44 -13.14 0.43
N ASN A 260 -15.97 -13.78 1.50
CA ASN A 260 -15.82 -13.14 2.80
C ASN A 260 -14.42 -13.35 3.36
N ALA A 261 -13.41 -13.25 2.50
CA ALA A 261 -12.03 -13.31 2.93
C ALA A 261 -11.54 -11.92 3.34
N ARG A 262 -10.58 -11.89 4.25
CA ARG A 262 -10.10 -10.64 4.82
C ARG A 262 -8.59 -10.53 4.67
N ASP A 263 -8.13 -9.34 4.30
CA ASP A 263 -6.71 -9.05 4.20
C ASP A 263 -6.19 -8.62 5.58
N ASN A 264 -4.99 -8.05 5.61
CA ASN A 264 -4.34 -7.67 6.86
C ASN A 264 -5.03 -6.53 7.59
N ILE A 265 -5.96 -5.83 6.95
CA ILE A 265 -6.74 -4.78 7.59
C ILE A 265 -8.17 -5.20 7.86
N GLY A 266 -8.55 -6.42 7.46
CA GLY A 266 -9.91 -6.88 7.66
C GLY A 266 -10.89 -6.52 6.56
N HIS A 267 -10.42 -5.90 5.48
CA HIS A 267 -11.29 -5.58 4.36
C HIS A 267 -11.76 -6.84 3.66
N THR A 268 -13.02 -6.87 3.30
CA THR A 268 -13.60 -7.89 2.44
C THR A 268 -13.66 -7.37 1.00
N PRO A 269 -13.91 -8.25 0.03
CA PRO A 269 -14.08 -7.76 -1.35
C PRO A 269 -15.16 -6.71 -1.49
N LEU A 270 -16.23 -6.76 -0.69
CA LEU A 270 -17.22 -5.70 -0.69
C LEU A 270 -16.64 -4.39 -0.17
N HIS A 271 -15.75 -4.47 0.83
CA HIS A 271 -15.08 -3.27 1.32
C HIS A 271 -14.32 -2.57 0.20
N LEU A 272 -13.50 -3.33 -0.54
CA LEU A 272 -12.72 -2.73 -1.61
C LEU A 272 -13.61 -2.28 -2.76
N ALA A 273 -14.69 -3.01 -3.03
CA ALA A 273 -15.62 -2.59 -4.06
C ALA A 273 -16.27 -1.25 -3.73
N ALA A 274 -16.64 -1.05 -2.46
CA ALA A 274 -17.19 0.24 -2.04
C ALA A 274 -16.12 1.33 -2.04
N TRP A 275 -14.90 0.99 -1.63
CA TRP A 275 -13.82 1.97 -1.59
C TRP A 275 -13.48 2.47 -2.99
N ALA A 276 -13.42 1.56 -3.96
CA ALA A 276 -13.06 1.96 -5.33
C ALA A 276 -14.20 2.68 -6.02
N GLY A 277 -15.44 2.24 -5.80
CA GLY A 277 -16.58 2.91 -6.38
C GLY A 277 -17.13 2.24 -7.63
N HIS A 278 -17.31 0.93 -7.59
CA HIS A 278 -17.88 0.16 -8.70
C HIS A 278 -19.22 -0.41 -8.24
N LEU A 279 -20.31 0.07 -8.86
CA LEU A 279 -21.65 -0.35 -8.43
C LEU A 279 -21.95 -1.78 -8.87
N GLU A 280 -21.58 -2.13 -10.10
CA GLU A 280 -21.89 -3.46 -10.62
C GLU A 280 -21.19 -4.54 -9.82
N ILE A 281 -19.95 -4.31 -9.41
CA ILE A 281 -19.26 -5.28 -8.57
C ILE A 281 -19.96 -5.42 -7.23
N VAL A 282 -20.47 -4.31 -6.67
CA VAL A 282 -21.20 -4.39 -5.42
C VAL A 282 -22.44 -5.27 -5.57
N GLU A 283 -23.19 -5.07 -6.66
CA GLU A 283 -24.38 -5.88 -6.89
C GLU A 283 -24.02 -7.35 -7.06
N VAL A 284 -22.97 -7.64 -7.83
CA VAL A 284 -22.59 -9.02 -8.07
C VAL A 284 -22.14 -9.69 -6.79
N LEU A 285 -21.35 -8.98 -5.97
CA LEU A 285 -20.91 -9.54 -4.70
C LEU A 285 -22.07 -9.75 -3.74
N LEU A 286 -23.06 -8.85 -3.75
CA LEU A 286 -24.24 -9.04 -2.91
C LEU A 286 -25.10 -10.20 -3.39
N LYS A 287 -25.07 -10.50 -4.69
CA LYS A 287 -25.84 -11.63 -5.21
C LYS A 287 -25.37 -12.95 -4.61
N TYR A 288 -24.05 -13.13 -4.50
CA TYR A 288 -23.48 -14.40 -4.07
C TYR A 288 -23.37 -14.54 -2.56
N GLY A 289 -23.84 -13.55 -1.79
CA GLY A 289 -23.93 -13.72 -0.35
C GLY A 289 -22.87 -12.99 0.44
N ALA A 290 -22.49 -11.80 0.01
CA ALA A 290 -21.55 -10.99 0.76
C ALA A 290 -22.21 -10.46 2.04
N ASP A 291 -21.43 -10.39 3.11
CA ASP A 291 -21.91 -9.90 4.39
C ASP A 291 -21.83 -8.37 4.40
N VAL A 292 -22.99 -7.72 4.47
CA VAL A 292 -23.03 -6.26 4.44
C VAL A 292 -22.44 -5.67 5.71
N ASN A 293 -22.66 -6.33 6.85
CA ASN A 293 -22.28 -5.80 8.15
C ASN A 293 -20.89 -6.25 8.59
N ALA A 294 -20.01 -6.57 7.64
CA ALA A 294 -18.63 -6.90 7.99
C ALA A 294 -17.89 -5.67 8.46
N GLN A 295 -16.94 -5.87 9.36
CA GLN A 295 -16.18 -4.79 9.96
C GLN A 295 -14.69 -5.08 9.84
N ASP A 296 -13.92 -4.03 9.54
CA ASP A 296 -12.47 -4.16 9.47
C ASP A 296 -11.85 -3.94 10.85
N LYS A 297 -10.52 -3.86 10.90
CA LYS A 297 -9.83 -3.69 12.17
C LYS A 297 -10.20 -2.38 12.85
N PHE A 298 -10.41 -1.33 12.05
CA PHE A 298 -10.73 -0.02 12.61
C PHE A 298 -12.22 0.17 12.87
N GLY A 299 -13.04 -0.83 12.59
CA GLY A 299 -14.46 -0.76 12.87
C GLY A 299 -15.32 -0.20 11.75
N LYS A 300 -14.71 0.22 10.64
CA LYS A 300 -15.48 0.74 9.53
C LYS A 300 -16.23 -0.39 8.81
N THR A 301 -17.30 -0.02 8.13
CA THR A 301 -18.18 -0.93 7.42
C THR A 301 -18.23 -0.54 5.94
N PRO A 302 -18.59 -1.48 5.03
CA PRO A 302 -18.60 -1.15 3.60
C PRO A 302 -19.51 0.02 3.25
N PHE A 303 -20.54 0.26 4.06
CA PHE A 303 -21.38 1.44 3.89
C PHE A 303 -20.67 2.71 4.31
N ASP A 304 -19.89 2.67 5.39
CA ASP A 304 -19.14 3.84 5.84
C ASP A 304 -18.09 4.26 4.83
N LEU A 305 -17.36 3.27 4.29
CA LEU A 305 -16.34 3.59 3.28
C LEU A 305 -16.98 4.19 2.04
N ALA A 306 -18.18 3.73 1.69
CA ALA A 306 -18.87 4.31 0.54
C ALA A 306 -19.34 5.74 0.83
N ILE A 307 -19.88 5.98 2.02
CA ILE A 307 -20.48 7.28 2.31
C ILE A 307 -19.40 8.34 2.50
N ASP A 308 -18.25 7.97 3.08
CA ASP A 308 -17.22 8.97 3.33
C ASP A 308 -16.29 9.20 2.14
N ASN A 309 -16.36 8.36 1.11
CA ASN A 309 -15.54 8.52 -0.08
C ASN A 309 -16.27 9.23 -1.21
N GLY A 310 -17.49 9.71 -0.98
CA GLY A 310 -18.24 10.39 -2.00
C GLY A 310 -19.15 9.52 -2.84
N ASN A 311 -19.09 8.19 -2.66
CA ASN A 311 -19.96 7.31 -3.41
C ASN A 311 -21.40 7.48 -2.93
N GLU A 312 -22.32 7.69 -3.88
CA GLU A 312 -23.72 7.97 -3.57
C GLU A 312 -24.63 6.79 -3.87
N ASP A 313 -24.60 6.28 -5.11
CA ASP A 313 -25.48 5.18 -5.47
C ASP A 313 -25.10 3.90 -4.72
N ILE A 314 -23.81 3.66 -4.53
CA ILE A 314 -23.36 2.49 -3.76
C ILE A 314 -23.87 2.59 -2.33
N ALA A 315 -23.83 3.79 -1.74
CA ALA A 315 -24.34 3.98 -0.39
C ALA A 315 -25.83 3.68 -0.34
N GLU A 316 -26.59 4.12 -1.34
CA GLU A 316 -28.02 3.83 -1.39
C GLU A 316 -28.28 2.33 -1.49
N VAL A 317 -27.51 1.64 -2.33
CA VAL A 317 -27.67 0.19 -2.47
C VAL A 317 -27.37 -0.51 -1.16
N LEU A 318 -26.29 -0.11 -0.48
CA LEU A 318 -25.94 -0.73 0.79
C LEU A 318 -26.97 -0.42 1.87
N GLN A 319 -27.58 0.77 1.82
CA GLN A 319 -28.66 1.10 2.74
C GLN A 319 -29.87 0.21 2.49
N LYS A 320 -30.21 -0.02 1.22
CA LYS A 320 -31.32 -0.90 0.89
C LYS A 320 -31.06 -2.32 1.37
N ALA A 321 -29.83 -2.81 1.16
CA ALA A 321 -29.46 -4.15 1.59
C ALA A 321 -29.43 -4.30 3.11
N ALA A 322 -29.30 -3.21 3.85
CA ALA A 322 -29.28 -3.21 5.31
C ALA A 322 -28.20 -4.14 5.87
N MET B 1 1.89 19.05 -13.78
CA MET B 1 0.50 18.98 -13.35
C MET B 1 -0.20 17.77 -13.97
N SER B 2 -0.63 17.93 -15.23
CA SER B 2 -1.30 16.83 -15.92
C SER B 2 -0.32 15.70 -16.21
N LYS B 3 0.94 16.02 -16.49
CA LYS B 3 1.94 14.99 -16.75
C LYS B 3 2.14 14.11 -15.52
N GLY B 4 2.21 14.71 -14.33
CA GLY B 4 2.34 13.91 -13.12
C GLY B 4 1.15 13.01 -12.90
N GLU B 5 -0.06 13.50 -13.16
CA GLU B 5 -1.25 12.67 -13.04
C GLU B 5 -1.22 11.52 -14.03
N GLU B 6 -0.75 11.79 -15.26
CA GLU B 6 -0.65 10.72 -16.25
C GLU B 6 0.41 9.70 -15.86
N LEU B 7 1.44 10.12 -15.14
CA LEU B 7 2.46 9.18 -14.67
C LEU B 7 1.88 8.15 -13.73
N PHE B 8 0.99 8.56 -12.84
CA PHE B 8 0.40 7.67 -11.84
C PHE B 8 -0.92 7.09 -12.35
N THR B 9 -0.83 6.27 -13.39
CA THR B 9 -2.00 5.64 -13.97
C THR B 9 -1.81 4.13 -14.03
N GLY B 10 -1.32 3.55 -12.95
CA GLY B 10 -1.09 2.13 -12.91
C GLY B 10 -0.30 1.76 -11.67
N VAL B 11 0.26 0.55 -11.71
CA VAL B 11 1.10 0.03 -10.63
C VAL B 11 2.52 0.52 -10.87
N VAL B 12 3.09 1.19 -9.88
CA VAL B 12 4.43 1.76 -9.97
C VAL B 12 5.32 1.12 -8.91
N PRO B 13 6.49 0.60 -9.26
CA PRO B 13 7.41 0.10 -8.24
C PRO B 13 7.95 1.24 -7.39
N ILE B 14 8.23 0.93 -6.13
CA ILE B 14 8.70 1.90 -5.15
C ILE B 14 9.94 1.36 -4.47
N LEU B 15 10.99 2.19 -4.41
CA LEU B 15 12.23 1.88 -3.72
C LEU B 15 12.48 2.95 -2.65
N VAL B 16 12.71 2.51 -1.42
CA VAL B 16 12.93 3.40 -0.29
C VAL B 16 14.29 3.08 0.32
N GLU B 17 15.11 4.10 0.52
CA GLU B 17 16.43 3.95 1.10
C GLU B 17 16.57 4.92 2.26
N LEU B 18 16.80 4.40 3.47
CA LEU B 18 16.94 5.21 4.66
C LEU B 18 18.26 4.89 5.34
N ASP B 19 18.95 5.92 5.81
CA ASP B 19 20.14 5.74 6.63
C ASP B 19 20.11 6.77 7.76
N GLY B 20 20.43 6.34 8.98
CA GLY B 20 20.34 7.27 10.09
C GLY B 20 21.14 6.79 11.29
N ASP B 21 21.27 7.70 12.24
CA ASP B 21 21.90 7.43 13.52
C ASP B 21 21.08 8.06 14.63
N VAL B 22 20.77 7.28 15.66
CA VAL B 22 20.08 7.76 16.85
C VAL B 22 20.89 7.39 18.07
N ASN B 23 21.20 8.39 18.90
CA ASN B 23 22.01 8.21 20.10
C ASN B 23 23.30 7.46 19.81
N GLY B 24 23.89 7.74 18.65
CA GLY B 24 25.11 7.11 18.21
C GLY B 24 24.94 5.85 17.39
N HIS B 25 23.88 5.09 17.67
CA HIS B 25 23.64 3.86 16.94
C HIS B 25 23.32 4.15 15.47
N LYS B 26 23.89 3.34 14.59
CA LYS B 26 23.80 3.54 13.14
C LYS B 26 22.99 2.43 12.53
N PHE B 27 22.10 2.78 11.60
CA PHE B 27 21.31 1.78 10.89
C PHE B 27 20.96 2.31 9.50
N SER B 28 20.56 1.39 8.63
CA SER B 28 20.17 1.73 7.26
C SER B 28 19.19 0.69 6.75
N VAL B 29 17.99 1.12 6.41
CA VAL B 29 16.88 0.25 6.04
C VAL B 29 16.57 0.42 4.56
N ARG B 30 16.43 -0.70 3.85
CA ARG B 30 16.09 -0.71 2.43
C ARG B 30 14.73 -1.38 2.27
N GLY B 31 13.85 -0.74 1.51
CA GLY B 31 12.51 -1.26 1.31
C GLY B 31 12.10 -1.23 -0.15
N GLU B 32 11.32 -2.23 -0.54
CA GLU B 32 10.85 -2.35 -1.91
C GLU B 32 9.37 -2.70 -1.92
N GLY B 33 8.67 -2.25 -2.96
CA GLY B 33 7.26 -2.57 -3.06
C GLY B 33 6.54 -2.00 -4.26
N GLU B 34 5.21 -1.95 -4.19
CA GLU B 34 4.40 -1.45 -5.29
C GLU B 34 3.37 -0.46 -4.76
N GLY B 35 3.00 0.49 -5.61
CA GLY B 35 1.99 1.46 -5.26
C GLY B 35 0.99 1.65 -6.39
N ASP B 36 -0.27 1.87 -6.01
CA ASP B 36 -1.38 2.09 -6.93
C ASP B 36 -2.04 3.40 -6.51
N ALA B 37 -1.77 4.46 -7.26
CA ALA B 37 -2.27 5.78 -6.92
C ALA B 37 -3.75 5.96 -7.22
N THR B 38 -4.33 5.11 -8.08
CA THR B 38 -5.75 5.22 -8.39
C THR B 38 -6.60 4.96 -7.16
N ASN B 39 -6.24 3.96 -6.36
CA ASN B 39 -6.96 3.62 -5.15
C ASN B 39 -6.21 3.97 -3.87
N GLY B 40 -5.01 4.52 -3.97
CA GLY B 40 -4.23 4.83 -2.80
C GLY B 40 -3.60 3.63 -2.11
N LYS B 41 -3.42 2.52 -2.82
CA LYS B 41 -2.89 1.31 -2.21
C LYS B 41 -1.37 1.33 -2.20
N LEU B 42 -0.79 0.84 -1.10
CA LEU B 42 0.66 0.74 -1.00
C LEU B 42 1.00 -0.59 -0.34
N THR B 43 1.84 -1.40 -0.97
CA THR B 43 2.29 -2.67 -0.41
C THR B 43 3.81 -2.69 -0.44
N LEU B 44 4.43 -2.70 0.74
CA LEU B 44 5.88 -2.55 0.81
C LEU B 44 6.45 -3.55 1.81
N LYS B 45 7.74 -3.85 1.64
CA LYS B 45 8.48 -4.69 2.58
C LYS B 45 9.83 -4.06 2.83
N PHE B 46 10.20 -3.95 4.11
CA PHE B 46 11.43 -3.27 4.53
C PHE B 46 12.34 -4.23 5.27
N ILE B 47 13.65 -4.11 5.04
CA ILE B 47 14.67 -4.91 5.70
C ILE B 47 15.73 -3.98 6.27
N CYS B 48 16.34 -4.42 7.38
CA CYS B 48 17.36 -3.64 8.09
C CYS B 48 18.77 -3.87 7.54
N THR B 49 19.12 -5.11 7.21
CA THR B 49 20.36 -5.45 6.51
C THR B 49 21.63 -5.10 7.29
N THR B 50 21.49 -4.55 8.50
CA THR B 50 22.64 -4.21 9.34
C THR B 50 22.58 -4.88 10.70
N GLY B 51 21.68 -5.84 10.90
CA GLY B 51 21.53 -6.51 12.17
C GLY B 51 20.16 -6.24 12.78
N LYS B 52 20.16 -5.90 14.06
CA LYS B 52 18.93 -5.62 14.80
C LYS B 52 18.69 -4.11 14.83
N LEU B 53 17.48 -3.70 14.49
CA LEU B 53 17.17 -2.28 14.45
C LEU B 53 17.19 -1.69 15.85
N PRO B 54 17.91 -0.58 16.08
CA PRO B 54 17.98 -0.01 17.42
C PRO B 54 16.69 0.61 17.91
N VAL B 55 15.70 0.80 17.05
CA VAL B 55 14.45 1.47 17.43
C VAL B 55 13.28 0.58 17.02
N PRO B 56 12.12 0.74 17.67
CA PRO B 56 10.95 -0.04 17.27
C PRO B 56 10.51 0.32 15.86
N TRP B 57 10.00 -0.70 15.15
CA TRP B 57 9.61 -0.50 13.75
C TRP B 57 8.53 0.56 13.55
N PRO B 58 7.43 0.60 14.31
CA PRO B 58 6.38 1.60 14.02
C PRO B 58 6.87 3.03 14.05
N THR B 59 7.88 3.34 14.86
CA THR B 59 8.38 4.71 14.93
C THR B 59 8.88 5.19 13.57
N LEU B 60 9.27 4.26 12.70
CA LEU B 60 9.77 4.61 11.38
C LEU B 60 8.71 4.51 10.28
N VAL B 61 7.45 4.19 10.62
CA VAL B 61 6.44 4.01 9.59
C VAL B 61 6.17 5.34 8.88
N THR B 62 6.01 6.42 9.63
CA THR B 62 5.73 7.72 9.05
C THR B 62 6.92 8.31 8.30
N THR B 63 8.14 7.84 8.59
CA THR B 63 9.32 8.29 7.87
C THR B 63 9.57 7.50 6.60
N LEU B 64 9.29 6.21 6.60
CA LEU B 64 9.47 5.37 5.43
C LEU B 64 8.34 5.60 4.44
N VAL B 66 5.61 8.49 1.20
CA VAL B 66 5.29 8.63 -0.21
C VAL B 66 3.87 9.16 -0.34
N GLN B 67 3.73 10.48 -0.27
CA GLN B 67 2.43 11.12 -0.26
C GLN B 67 1.81 11.22 -1.65
N CYS B 68 2.55 10.88 -2.71
CA CYS B 68 2.03 10.98 -4.06
C CYS B 68 1.11 9.83 -4.44
N PHE B 69 1.04 8.78 -3.63
CA PHE B 69 0.14 7.65 -3.86
C PHE B 69 -1.11 7.74 -3.00
N SER B 70 -1.60 8.95 -2.76
CA SER B 70 -2.83 9.17 -2.02
C SER B 70 -3.98 9.41 -2.99
N ARG B 71 -5.08 8.70 -2.78
CA ARG B 71 -6.21 8.83 -3.70
C ARG B 71 -6.86 10.20 -3.56
N TYR B 72 -7.12 10.84 -4.69
CA TYR B 72 -7.84 12.11 -4.73
C TYR B 72 -9.08 11.94 -5.60
N PRO B 73 -10.27 12.26 -5.09
CA PRO B 73 -11.48 12.13 -5.92
C PRO B 73 -11.45 13.07 -7.10
N ASP B 74 -12.38 12.83 -8.03
CA ASP B 74 -12.42 13.62 -9.27
C ASP B 74 -12.76 15.08 -9.01
N HIS B 75 -13.37 15.40 -7.88
CA HIS B 75 -13.67 16.79 -7.52
C HIS B 75 -12.56 17.43 -6.70
N MET B 76 -11.47 16.72 -6.44
CA MET B 76 -10.32 17.26 -5.72
C MET B 76 -9.04 17.23 -6.53
N LYS B 77 -9.13 17.02 -7.86
CA LYS B 77 -7.93 16.87 -8.68
C LYS B 77 -7.09 18.14 -8.72
N ARG B 78 -7.69 19.29 -8.39
CA ARG B 78 -6.96 20.56 -8.39
C ARG B 78 -6.12 20.75 -7.13
N HIS B 79 -6.28 19.91 -6.12
CA HIS B 79 -5.58 20.04 -4.85
C HIS B 79 -4.55 18.93 -4.65
N ASP B 80 -3.88 18.54 -5.72
CA ASP B 80 -2.90 17.45 -5.69
C ASP B 80 -1.51 18.03 -5.98
N PHE B 81 -0.82 18.45 -4.93
CA PHE B 81 0.51 19.02 -5.09
C PHE B 81 1.55 17.96 -5.42
N PHE B 82 1.48 16.81 -4.75
CA PHE B 82 2.53 15.81 -4.87
C PHE B 82 2.64 15.27 -6.29
N LYS B 83 1.50 14.99 -6.93
CA LYS B 83 1.55 14.47 -8.30
C LYS B 83 1.98 15.55 -9.28
N SER B 84 1.61 16.80 -9.02
CA SER B 84 1.92 17.88 -9.95
C SER B 84 3.41 18.20 -9.99
N ALA B 85 4.17 17.81 -8.96
CA ALA B 85 5.59 18.10 -8.88
C ALA B 85 6.45 16.84 -8.88
N MET B 86 5.94 15.74 -9.42
CA MET B 86 6.62 14.45 -9.27
C MET B 86 7.80 14.24 -10.23
N PRO B 87 7.66 14.48 -11.56
CA PRO B 87 8.72 14.06 -12.51
C PRO B 87 10.13 14.40 -12.06
N GLU B 88 10.31 15.53 -11.36
CA GLU B 88 11.58 15.84 -10.72
C GLU B 88 11.60 15.46 -9.24
N GLY B 89 10.47 15.56 -8.55
CA GLY B 89 10.35 15.19 -7.16
C GLY B 89 10.15 16.40 -6.27
N TYR B 90 10.18 16.16 -4.96
CA TYR B 90 10.06 17.20 -3.97
C TYR B 90 10.94 16.86 -2.78
N VAL B 91 10.94 17.76 -1.79
CA VAL B 91 11.77 17.64 -0.60
C VAL B 91 10.88 17.76 0.62
N GLN B 92 11.00 16.80 1.53
CA GLN B 92 10.23 16.73 2.76
C GLN B 92 11.12 16.99 3.96
N GLU B 93 10.74 17.96 4.78
CA GLU B 93 11.40 18.23 6.05
C GLU B 93 10.45 17.88 7.18
N ARG B 94 10.91 17.04 8.11
CA ARG B 94 10.07 16.55 9.18
C ARG B 94 10.77 16.72 10.52
N THR B 95 9.98 17.14 11.52
CA THR B 95 10.40 17.23 12.91
C THR B 95 9.41 16.40 13.71
N ILE B 96 9.89 15.31 14.30
CA ILE B 96 9.04 14.38 15.04
C ILE B 96 9.44 14.50 16.51
N SER B 97 8.63 15.22 17.27
CA SER B 97 8.89 15.43 18.70
C SER B 97 8.10 14.39 19.48
N PHE B 98 8.80 13.44 20.09
CA PHE B 98 8.14 12.48 20.96
C PHE B 98 7.82 13.12 22.31
N LYS B 99 6.83 12.56 22.99
CA LYS B 99 6.43 13.10 24.28
C LYS B 99 7.33 12.56 25.38
N ASP B 100 7.99 13.49 26.09
CA ASP B 100 8.90 13.13 27.19
C ASP B 100 10.02 12.21 26.72
N ASP B 101 10.55 12.48 25.54
CA ASP B 101 11.63 11.67 24.99
C ASP B 101 12.36 12.48 23.92
N GLY B 102 13.26 11.80 23.21
CA GLY B 102 14.06 12.47 22.20
C GLY B 102 13.28 12.78 20.94
N THR B 103 13.90 13.55 20.06
CA THR B 103 13.29 14.01 18.83
C THR B 103 14.00 13.45 17.61
N TYR B 104 13.25 13.41 16.50
CA TYR B 104 13.75 12.99 15.19
C TYR B 104 13.74 14.18 14.24
N LYS B 105 14.82 14.32 13.47
CA LYS B 105 14.89 15.29 12.39
C LYS B 105 15.11 14.51 11.09
N THR B 106 14.28 14.81 10.08
CA THR B 106 14.22 14.01 8.87
C THR B 106 14.30 14.91 7.65
N ARG B 107 15.21 14.58 6.73
CA ARG B 107 15.33 15.27 5.44
C ARG B 107 15.22 14.24 4.33
N ALA B 108 14.21 14.37 3.48
CA ALA B 108 13.98 13.35 2.47
C ALA B 108 13.76 14.01 1.11
N GLU B 109 14.14 13.29 0.06
CA GLU B 109 13.87 13.69 -1.32
C GLU B 109 13.13 12.57 -2.03
N VAL B 110 12.05 12.93 -2.73
CA VAL B 110 11.24 11.99 -3.48
C VAL B 110 11.41 12.32 -4.95
N LYS B 111 11.98 11.40 -5.71
CA LYS B 111 12.24 11.59 -7.13
C LYS B 111 11.68 10.42 -7.92
N PHE B 112 11.60 10.61 -9.24
CA PHE B 112 11.18 9.58 -10.17
C PHE B 112 12.38 9.22 -11.04
N GLU B 113 13.01 8.08 -10.75
CA GLU B 113 14.22 7.68 -11.45
C GLU B 113 13.94 6.40 -12.23
N GLY B 114 14.35 6.40 -13.49
CA GLY B 114 13.99 5.30 -14.37
C GLY B 114 12.49 5.16 -14.44
N ASP B 115 12.01 3.93 -14.25
CA ASP B 115 10.57 3.68 -14.13
C ASP B 115 10.09 3.65 -12.69
N THR B 116 11.00 3.72 -11.71
CA THR B 116 10.62 3.61 -10.32
C THR B 116 10.57 4.98 -9.65
N LEU B 117 10.00 4.99 -8.45
CA LEU B 117 9.96 6.17 -7.60
C LEU B 117 10.84 5.92 -6.39
N VAL B 118 11.79 6.82 -6.15
CA VAL B 118 12.80 6.65 -5.11
C VAL B 118 12.58 7.68 -4.02
N ASN B 119 12.54 7.22 -2.78
CA ASN B 119 12.44 8.05 -1.59
C ASN B 119 13.73 7.88 -0.80
N ARG B 120 14.55 8.92 -0.76
CA ARG B 120 15.83 8.89 -0.06
C ARG B 120 15.72 9.73 1.21
N ILE B 121 16.08 9.14 2.35
CA ILE B 121 15.80 9.73 3.65
C ILE B 121 17.09 9.83 4.46
N GLU B 122 17.23 10.91 5.22
CA GLU B 122 18.30 11.10 6.18
C GLU B 122 17.68 11.42 7.54
N LEU B 123 18.14 10.71 8.56
CA LEU B 123 17.54 10.77 9.90
C LEU B 123 18.58 11.19 10.93
N LYS B 124 18.12 11.89 11.96
CA LYS B 124 18.98 12.24 13.08
C LYS B 124 18.14 12.29 14.35
N GLY B 125 18.43 11.42 15.30
CA GLY B 125 17.69 11.34 16.55
C GLY B 125 18.55 11.79 17.71
N ILE B 126 17.95 12.61 18.57
CA ILE B 126 18.67 13.18 19.72
C ILE B 126 17.81 13.09 20.97
N ASP B 127 18.48 13.18 22.13
CA ASP B 127 17.89 13.31 23.47
C ASP B 127 17.11 12.08 23.91
N PHE B 128 17.34 10.91 23.32
CA PHE B 128 16.58 9.72 23.73
C PHE B 128 17.13 9.17 25.04
N LYS B 129 16.22 8.69 25.89
CA LYS B 129 16.60 8.05 27.15
C LYS B 129 17.14 6.66 26.86
N GLU B 130 17.50 5.93 27.93
CA GLU B 130 17.97 4.56 27.78
C GLU B 130 17.02 3.53 28.39
N ASP B 131 16.16 3.92 29.32
CA ASP B 131 15.10 3.06 29.82
C ASP B 131 13.75 3.39 29.23
N GLY B 132 13.69 4.30 28.26
CA GLY B 132 12.42 4.71 27.68
C GLY B 132 11.87 3.67 26.74
N ASN B 133 10.64 3.94 26.27
CA ASN B 133 9.94 2.99 25.42
C ASN B 133 10.65 2.78 24.09
N ILE B 134 11.17 3.86 23.50
CA ILE B 134 11.75 3.76 22.16
C ILE B 134 13.06 2.99 22.21
N LEU B 135 14.06 3.53 22.92
CA LEU B 135 15.36 2.88 22.94
C LEU B 135 15.37 1.61 23.78
N GLY B 136 14.39 1.43 24.66
CA GLY B 136 14.26 0.22 25.42
C GLY B 136 13.40 -0.86 24.78
N HIS B 137 12.87 -0.59 23.58
CA HIS B 137 12.03 -1.55 22.86
C HIS B 137 10.79 -1.93 23.66
N LYS B 138 9.99 -0.92 23.99
CA LYS B 138 8.77 -1.10 24.76
C LYS B 138 7.54 -0.62 24.00
N LEU B 139 7.55 -0.75 22.68
CA LEU B 139 6.40 -0.46 21.84
C LEU B 139 5.96 -1.72 21.10
N GLU B 140 4.65 -1.90 21.01
CA GLU B 140 4.08 -3.09 20.42
C GLU B 140 3.95 -2.94 18.91
N TYR B 141 3.54 -4.03 18.26
CA TYR B 141 3.56 -4.14 16.81
C TYR B 141 2.16 -3.90 16.25
N ASN B 142 1.81 -2.62 16.10
CA ASN B 142 0.53 -2.24 15.52
C ASN B 142 0.60 -0.78 15.11
N PHE B 143 -0.44 -0.31 14.43
CA PHE B 143 -0.50 1.07 13.96
C PHE B 143 -1.96 1.49 13.85
N ASN B 144 -2.24 2.72 14.26
CA ASN B 144 -3.59 3.26 14.26
C ASN B 144 -3.87 4.01 12.97
N SER B 145 -4.97 4.75 12.94
CA SER B 145 -5.36 5.58 11.80
C SER B 145 -5.39 7.04 12.23
N HIS B 146 -4.85 7.91 11.37
CA HIS B 146 -4.69 9.31 11.72
C HIS B 146 -5.10 10.19 10.54
N ASN B 147 -5.38 11.45 10.86
CA ASN B 147 -5.76 12.45 9.87
C ASN B 147 -4.63 13.46 9.74
N VAL B 148 -4.16 13.69 8.52
CA VAL B 148 -3.04 14.59 8.25
C VAL B 148 -3.59 15.82 7.55
N TYR B 149 -3.43 16.99 8.17
CA TYR B 149 -4.00 18.23 7.68
C TYR B 149 -2.95 18.97 6.85
N ILE B 150 -3.28 19.23 5.59
CA ILE B 150 -2.38 19.89 4.66
C ILE B 150 -2.92 21.27 4.33
N THR B 151 -2.08 22.29 4.51
CA THR B 151 -2.38 23.67 4.16
C THR B 151 -1.27 24.19 3.24
N ALA B 152 -1.51 25.36 2.64
CA ALA B 152 -0.58 25.96 1.70
C ALA B 152 0.43 26.83 2.45
N ASP B 153 1.39 27.38 1.70
CA ASP B 153 2.41 28.26 2.24
C ASP B 153 2.47 29.60 1.53
N LYS B 154 2.21 29.63 0.22
CA LYS B 154 2.11 30.83 -0.61
C LYS B 154 3.43 31.57 -0.78
N GLN B 155 4.54 31.04 -0.27
CA GLN B 155 5.82 31.75 -0.38
C GLN B 155 6.93 30.87 -0.92
N LYS B 156 6.89 29.57 -0.62
CA LYS B 156 7.96 28.66 -0.96
C LYS B 156 7.50 27.55 -1.91
N ASN B 157 6.32 27.73 -2.51
CA ASN B 157 5.76 26.80 -3.48
C ASN B 157 5.56 25.40 -2.91
N GLY B 158 5.58 25.26 -1.59
CA GLY B 158 5.40 23.98 -0.94
C GLY B 158 4.08 23.95 -0.17
N ILE B 159 4.03 23.05 0.81
CA ILE B 159 2.86 22.90 1.67
C ILE B 159 3.33 22.61 3.10
N LYS B 160 2.41 22.80 4.04
CA LYS B 160 2.69 22.56 5.45
C LYS B 160 1.70 21.53 5.99
N ALA B 161 2.17 20.72 6.92
CA ALA B 161 1.33 19.70 7.55
C ALA B 161 1.76 19.51 9.00
N ASN B 162 0.81 19.08 9.82
CA ASN B 162 1.10 18.79 11.22
C ASN B 162 0.05 17.81 11.73
N PHE B 163 0.50 16.84 12.51
CA PHE B 163 -0.41 15.83 13.03
C PHE B 163 0.23 15.17 14.25
N LYS B 164 -0.45 14.15 14.77
CA LYS B 164 -0.01 13.48 15.99
C LYS B 164 -0.21 11.97 15.82
N ILE B 165 0.88 11.22 15.90
CA ILE B 165 0.80 9.77 15.91
C ILE B 165 0.69 9.27 17.35
N ARG B 166 -0.21 8.32 17.56
CA ARG B 166 -0.45 7.75 18.89
C ARG B 166 -0.03 6.29 18.88
N HIS B 167 1.11 5.99 19.47
CA HIS B 167 1.60 4.63 19.55
C HIS B 167 0.97 3.93 20.76
N ASN B 168 1.23 2.63 20.89
CA ASN B 168 0.64 1.82 21.95
C ASN B 168 1.76 1.13 22.72
N VAL B 169 1.89 1.46 24.00
CA VAL B 169 2.88 0.81 24.85
C VAL B 169 2.34 -0.52 25.35
N GLU B 170 3.26 -1.43 25.69
CA GLU B 170 2.87 -2.75 26.18
C GLU B 170 2.22 -2.72 27.56
N ASP B 171 2.14 -1.55 28.21
CA ASP B 171 1.52 -1.42 29.51
C ASP B 171 0.19 -0.67 29.45
N GLY B 172 -0.46 -0.67 28.29
CA GLY B 172 -1.71 0.05 28.13
C GLY B 172 -1.57 1.55 28.22
N SER B 173 -0.60 2.11 27.51
CA SER B 173 -0.36 3.55 27.50
C SER B 173 -0.20 4.02 26.07
N VAL B 174 -0.49 5.30 25.84
CA VAL B 174 -0.41 5.91 24.53
C VAL B 174 0.71 6.94 24.54
N GLN B 175 1.64 6.80 23.61
CA GLN B 175 2.76 7.74 23.45
C GLN B 175 2.47 8.63 22.26
N LEU B 176 2.57 9.93 22.45
CA LEU B 176 2.18 10.92 21.45
C LEU B 176 3.43 11.47 20.78
N ALA B 177 3.55 11.25 19.47
CA ALA B 177 4.64 11.80 18.66
C ALA B 177 4.04 12.88 17.76
N ASP B 178 4.40 14.13 18.02
CA ASP B 178 3.89 15.24 17.21
C ASP B 178 4.77 15.43 15.99
N HIS B 179 4.17 15.36 14.82
CA HIS B 179 4.89 15.48 13.55
C HIS B 179 4.60 16.83 12.91
N TYR B 180 5.67 17.55 12.60
CA TYR B 180 5.61 18.78 11.82
C TYR B 180 6.31 18.53 10.49
N GLN B 181 5.69 18.96 9.39
CA GLN B 181 6.15 18.61 8.05
C GLN B 181 6.10 19.84 7.16
N GLN B 182 7.01 19.87 6.19
CA GLN B 182 6.97 20.90 5.15
C GLN B 182 7.53 20.33 3.86
N ASN B 183 6.84 20.60 2.75
CA ASN B 183 7.21 20.09 1.44
C ASN B 183 7.54 21.25 0.50
N THR B 184 8.66 21.11 -0.21
CA THR B 184 9.10 22.10 -1.18
C THR B 184 9.43 21.45 -2.51
N PRO B 185 9.11 22.08 -3.63
CA PRO B 185 9.42 21.49 -4.93
C PRO B 185 10.91 21.55 -5.24
N ILE B 186 11.33 20.67 -6.15
CA ILE B 186 12.73 20.62 -6.60
C ILE B 186 12.84 21.35 -7.93
N GLY B 187 12.11 20.89 -8.93
CA GLY B 187 12.18 21.49 -10.24
C GLY B 187 11.55 22.87 -10.29
N ASP B 188 11.92 23.63 -11.32
CA ASP B 188 11.41 24.99 -11.52
C ASP B 188 10.28 24.94 -12.54
N GLY B 189 9.10 24.58 -12.06
CA GLY B 189 7.91 24.52 -12.89
C GLY B 189 6.66 24.77 -12.08
N PRO B 190 5.68 25.43 -12.68
CA PRO B 190 4.42 25.70 -11.96
C PRO B 190 3.75 24.41 -11.51
N VAL B 191 3.29 24.41 -10.26
CA VAL B 191 2.66 23.25 -9.66
C VAL B 191 1.40 23.70 -8.92
N LEU B 192 0.48 22.76 -8.71
CA LEU B 192 -0.77 23.07 -8.05
C LEU B 192 -0.54 23.28 -6.56
N LEU B 193 -1.12 24.36 -6.02
CA LEU B 193 -1.05 24.64 -4.60
C LEU B 193 -2.40 24.35 -3.97
N PRO B 194 -2.53 23.28 -3.19
CA PRO B 194 -3.85 22.89 -2.68
C PRO B 194 -4.35 23.84 -1.60
N ASP B 195 -5.67 23.88 -1.45
CA ASP B 195 -6.29 24.56 -0.33
C ASP B 195 -6.24 23.66 0.91
N ASN B 196 -6.74 24.19 2.01
CA ASN B 196 -6.71 23.45 3.27
C ASN B 196 -7.58 22.21 3.17
N HIS B 197 -6.99 21.05 3.43
CA HIS B 197 -7.73 19.79 3.40
C HIS B 197 -7.01 18.78 4.28
N TYR B 198 -7.43 17.53 4.22
CA TYR B 198 -6.83 16.50 5.05
C TYR B 198 -6.88 15.15 4.38
N LEU B 199 -6.03 14.26 4.88
CA LEU B 199 -5.86 12.90 4.37
C LEU B 199 -6.17 11.92 5.48
N SER B 200 -6.96 10.89 5.16
CA SER B 200 -7.25 9.80 6.07
C SER B 200 -6.41 8.59 5.68
N THR B 201 -5.87 7.90 6.68
CA THR B 201 -4.89 6.85 6.47
C THR B 201 -5.26 5.59 7.24
N GLN B 202 -4.89 4.44 6.70
CA GLN B 202 -5.05 3.15 7.35
C GLN B 202 -3.81 2.31 7.06
N SER B 203 -3.32 1.59 8.07
CA SER B 203 -2.11 0.82 7.93
C SER B 203 -2.24 -0.51 8.65
N ALA B 204 -1.47 -1.49 8.21
CA ALA B 204 -1.46 -2.80 8.86
C ALA B 204 -0.05 -3.36 8.81
N LEU B 205 0.55 -3.58 9.98
CA LEU B 205 1.90 -4.14 10.06
C LEU B 205 1.81 -5.65 10.19
N SER B 206 2.65 -6.37 9.44
CA SER B 206 2.63 -7.83 9.41
C SER B 206 4.03 -8.38 9.61
N LYS B 207 4.17 -9.69 9.43
CA LYS B 207 5.45 -10.37 9.56
C LYS B 207 5.55 -11.45 8.49
N ASP B 208 6.74 -11.58 7.91
CA ASP B 208 6.99 -12.61 6.91
C ASP B 208 7.59 -13.84 7.59
N PRO B 209 6.94 -15.01 7.53
CA PRO B 209 7.47 -16.21 8.19
C PRO B 209 8.63 -16.88 7.49
N ASN B 210 9.10 -16.36 6.37
CA ASN B 210 10.18 -16.97 5.61
C ASN B 210 11.44 -16.11 5.56
N GLU B 211 11.48 -15.01 6.31
CA GLU B 211 12.63 -14.11 6.34
C GLU B 211 13.27 -14.16 7.71
N LYS B 212 14.59 -14.37 7.74
CA LYS B 212 15.34 -14.51 8.98
C LYS B 212 16.09 -13.23 9.36
N ARG B 213 15.62 -12.09 8.89
CA ARG B 213 16.22 -10.81 9.22
C ARG B 213 15.22 -9.93 9.95
N ASP B 214 15.56 -8.67 10.19
CA ASP B 214 14.63 -7.71 10.78
C ASP B 214 13.80 -7.10 9.67
N HIS B 215 12.60 -7.63 9.44
CA HIS B 215 11.77 -7.26 8.32
C HIS B 215 10.43 -6.68 8.81
N MET B 216 9.81 -5.92 7.92
CA MET B 216 8.52 -5.28 8.25
C MET B 216 7.69 -5.26 6.97
N VAL B 217 6.54 -5.93 7.00
CA VAL B 217 5.60 -5.90 5.88
C VAL B 217 4.50 -4.90 6.15
N LEU B 218 4.24 -4.01 5.19
CA LEU B 218 3.30 -2.93 5.40
C LEU B 218 2.30 -2.87 4.26
N LEU B 219 1.02 -2.77 4.61
CA LEU B 219 -0.06 -2.53 3.68
C LEU B 219 -0.80 -1.28 4.13
N GLU B 220 -1.00 -0.33 3.19
CA GLU B 220 -1.45 1.00 3.56
C GLU B 220 -2.46 1.52 2.54
N PHE B 221 -3.48 2.21 3.05
CA PHE B 221 -4.51 2.87 2.25
C PHE B 221 -4.57 4.35 2.66
N VAL B 222 -4.66 5.24 1.67
CA VAL B 222 -4.73 6.67 1.93
C VAL B 222 -5.79 7.29 1.03
N THR B 223 -6.53 8.25 1.57
CA THR B 223 -7.55 8.97 0.81
C THR B 223 -7.58 10.41 1.24
N ALA B 224 -8.21 11.25 0.42
CA ALA B 224 -8.32 12.68 0.66
C ALA B 224 -9.77 13.06 0.96
N ALA B 225 -9.96 14.01 1.87
CA ALA B 225 -11.30 14.46 2.22
C ALA B 225 -11.22 15.93 2.62
N GLY B 226 -12.31 16.45 3.18
CA GLY B 226 -12.32 17.82 3.68
C GLY B 226 -13.08 18.81 2.82
N ILE B 227 -12.94 18.71 1.51
CA ILE B 227 -13.55 19.65 0.58
C ILE B 227 -14.82 19.02 0.01
N THR B 228 -15.87 19.83 -0.11
CA THR B 228 -17.17 19.38 -0.59
C THR B 228 -17.46 20.02 -1.94
N HIS B 229 -17.79 19.18 -2.92
CA HIS B 229 -18.20 19.66 -4.24
C HIS B 229 -19.26 18.76 -4.84
#